data_8TY0
#
_entry.id   8TY0
#
_cell.length_a   192.487
_cell.length_b   57.720
_cell.length_c   57.770
_cell.angle_alpha   90.000
_cell.angle_beta   107.440
_cell.angle_gamma   90.000
#
_symmetry.space_group_name_H-M   'C 1 2 1'
#
loop_
_entity.id
_entity.type
_entity.pdbx_description
1 polymer Streptavidin
2 non-polymer 'Bis-biotinylated Iron-porphyrin'
3 water water
#
_entity_poly.entity_id   1
_entity_poly.type   'polypeptide(L)'
_entity_poly.pdbx_seq_one_letter_code
;ASMTGGQQMGRDEAGITGTWYNQLGSTFIVTAGADGALTGTYESAVGNAESRYVLTGRYDSAPATDGSGTALGWTVAWKN
NYRNAHSATTWSGQYVGGAEARINTQWLLTEGTTEANAWHSTLVGHDTFTKVKPSAASIDAAKKAGVNNGNPLDAVQQ
;
_entity_poly.pdbx_strand_id   A,B,C,D
#
# COMPACT_ATOMS: atom_id res chain seq x y z
N ASP A 12 14.65 -15.43 -17.60
CA ASP A 12 14.26 -14.18 -17.17
C ASP A 12 15.52 -13.36 -17.25
N GLU A 13 16.71 -13.97 -17.21
CA GLU A 13 17.87 -13.12 -17.38
C GLU A 13 17.73 -12.43 -18.71
N ALA A 14 17.65 -13.21 -19.78
CA ALA A 14 17.43 -12.59 -21.10
C ALA A 14 16.03 -12.01 -21.22
N GLY A 15 15.03 -12.63 -20.59
CA GLY A 15 13.67 -12.13 -20.71
C GLY A 15 13.52 -10.77 -20.04
N ILE A 16 14.20 -10.56 -18.92
CA ILE A 16 14.01 -9.28 -18.21
C ILE A 16 14.88 -8.20 -18.83
N THR A 17 16.08 -8.54 -19.28
CA THR A 17 17.00 -7.50 -19.79
C THR A 17 16.42 -6.78 -21.02
N GLY A 18 16.47 -5.46 -21.03
CA GLY A 18 15.98 -4.72 -22.17
C GLY A 18 15.20 -3.49 -21.76
N THR A 19 14.42 -2.99 -22.71
CA THR A 19 13.67 -1.76 -22.55
C THR A 19 12.20 -2.12 -22.34
N TRP A 20 11.58 -1.47 -21.33
CA TRP A 20 10.18 -1.70 -21.00
C TRP A 20 9.48 -0.37 -20.86
N TYR A 21 8.17 -0.38 -21.09
CA TYR A 21 7.37 0.83 -21.05
C TYR A 21 6.13 0.59 -20.21
N ASN A 22 5.74 1.56 -19.36
CA ASN A 22 4.52 1.35 -18.61
C ASN A 22 3.35 2.15 -19.21
N GLN A 23 2.22 2.09 -18.53
CA GLN A 23 0.98 2.67 -19.05
C GLN A 23 1.01 4.19 -19.10
N LEU A 24 1.94 4.84 -18.40
CA LEU A 24 2.11 6.29 -18.43
C LEU A 24 3.04 6.72 -19.55
N GLY A 25 3.68 5.79 -20.20
CA GLY A 25 4.71 6.09 -21.18
C GLY A 25 6.09 6.27 -20.61
N SER A 26 6.29 5.91 -19.34
CA SER A 26 7.66 5.93 -18.80
C SER A 26 8.50 4.79 -19.38
N THR A 27 9.85 4.96 -19.37
CA THR A 27 10.79 4.01 -19.94
C THR A 27 11.70 3.43 -18.89
N PHE A 28 11.67 2.10 -18.77
CA PHE A 28 12.48 1.36 -17.82
C PHE A 28 13.52 0.53 -18.58
N ILE A 29 14.79 0.91 -18.42
CA ILE A 29 15.86 0.23 -19.12
C ILE A 29 16.66 -0.58 -18.10
N VAL A 30 16.69 -1.90 -18.25
CA VAL A 30 17.27 -2.73 -17.20
C VAL A 30 18.18 -3.80 -17.77
N THR A 31 19.23 -4.11 -17.02
CA THR A 31 20.03 -5.29 -17.26
C THR A 31 19.90 -6.21 -16.06
N ALA A 32 19.53 -7.46 -16.30
CA ALA A 32 19.49 -8.47 -15.25
C ALA A 32 20.79 -9.26 -15.26
N GLY A 33 21.49 -9.27 -14.15
CA GLY A 33 22.72 -10.05 -14.04
C GLY A 33 22.49 -11.47 -13.57
N ALA A 34 23.48 -12.31 -13.88
CA ALA A 34 23.33 -13.73 -13.55
C ALA A 34 23.19 -13.95 -12.05
N ASP A 35 23.67 -13.01 -11.25
CA ASP A 35 23.71 -13.09 -9.79
C ASP A 35 22.45 -12.52 -9.12
N GLY A 36 21.42 -12.19 -9.87
CA GLY A 36 20.24 -11.57 -9.27
C GLY A 36 20.22 -10.06 -9.29
N ALA A 37 21.20 -9.41 -9.88
CA ALA A 37 21.19 -7.95 -9.87
C ALA A 37 20.35 -7.27 -10.93
N LEU A 38 19.77 -6.12 -10.63
CA LEU A 38 19.09 -5.32 -11.64
C LEU A 38 19.77 -3.97 -11.68
N THR A 39 20.18 -3.55 -12.87
N THR A 39 20.16 -3.53 -12.87
CA THR A 39 20.83 -2.25 -13.01
CA THR A 39 20.84 -2.26 -13.03
C THR A 39 20.28 -1.56 -14.25
C THR A 39 20.29 -1.56 -14.25
N GLY A 40 20.16 -0.24 -14.20
CA GLY A 40 19.69 0.49 -15.35
C GLY A 40 19.30 1.92 -15.13
N THR A 41 18.35 2.37 -15.96
CA THR A 41 17.86 3.72 -15.87
C THR A 41 16.33 3.80 -16.01
N TYR A 42 15.77 4.83 -15.44
CA TYR A 42 14.33 5.04 -15.49
C TYR A 42 14.10 6.47 -15.93
N GLU A 43 13.11 6.67 -16.80
CA GLU A 43 12.73 7.99 -17.30
C GLU A 43 11.22 8.04 -17.11
N SER A 44 10.76 8.93 -16.24
CA SER A 44 9.32 9.01 -15.97
C SER A 44 8.67 9.99 -16.94
N ALA A 45 7.54 9.59 -17.50
CA ALA A 45 6.76 10.52 -18.31
C ALA A 45 5.96 11.51 -17.50
N VAL A 46 5.88 11.37 -16.17
CA VAL A 46 5.09 12.25 -15.32
C VAL A 46 5.89 12.68 -14.10
N GLY A 47 5.39 13.72 -13.43
CA GLY A 47 5.93 14.07 -12.13
C GLY A 47 7.11 15.01 -12.25
N ASN A 48 7.83 15.11 -11.13
CA ASN A 48 8.92 16.09 -10.98
C ASN A 48 10.20 15.37 -11.38
N ALA A 49 10.38 15.21 -12.71
CA ALA A 49 11.37 14.35 -13.32
C ALA A 49 11.71 14.80 -14.72
N GLU A 50 12.99 14.69 -15.08
CA GLU A 50 13.44 14.93 -16.43
C GLU A 50 14.62 14.02 -16.72
N SER A 51 14.60 13.37 -17.88
N SER A 51 14.59 13.38 -17.89
CA SER A 51 15.68 12.55 -18.42
CA SER A 51 15.69 12.58 -18.38
C SER A 51 15.81 11.31 -17.55
C SER A 51 15.81 11.31 -17.55
N ARG A 52 16.98 10.70 -17.54
CA ARG A 52 17.14 9.38 -16.92
C ARG A 52 17.66 9.48 -15.51
N TYR A 53 17.24 8.51 -14.67
CA TYR A 53 17.69 8.37 -13.30
C TYR A 53 18.24 6.97 -13.12
N VAL A 54 19.24 6.83 -12.26
CA VAL A 54 19.83 5.53 -11.94
C VAL A 54 18.81 4.67 -11.23
N LEU A 55 18.80 3.39 -11.58
CA LEU A 55 18.03 2.45 -10.79
C LEU A 55 18.80 1.20 -10.45
N THR A 56 18.55 0.62 -9.28
N THR A 56 18.55 0.62 -9.28
CA THR A 56 19.18 -0.64 -8.94
CA THR A 56 19.18 -0.65 -8.93
C THR A 56 18.14 -1.53 -8.25
C THR A 56 18.13 -1.52 -8.26
N GLY A 57 18.26 -2.83 -8.43
CA GLY A 57 17.31 -3.73 -7.81
C GLY A 57 17.78 -5.17 -7.79
N ARG A 58 16.84 -6.05 -7.50
CA ARG A 58 17.16 -7.49 -7.40
C ARG A 58 16.00 -8.28 -7.98
N TYR A 59 16.32 -9.47 -8.53
CA TYR A 59 15.27 -10.36 -8.98
C TYR A 59 15.67 -11.78 -8.57
N ASP A 60 14.65 -12.65 -8.50
CA ASP A 60 14.85 -14.11 -8.26
C ASP A 60 15.46 -14.76 -9.49
N SER A 61 16.72 -15.10 -9.40
CA SER A 61 17.43 -15.68 -10.53
C SER A 61 17.24 -17.18 -10.67
N ALA A 62 16.42 -17.80 -9.83
CA ALA A 62 16.08 -19.22 -9.99
C ALA A 62 14.62 -19.40 -9.63
N PRO A 63 13.72 -18.87 -10.45
CA PRO A 63 12.28 -18.92 -10.12
C PRO A 63 11.70 -20.32 -10.17
N ALA A 64 10.52 -20.45 -9.58
CA ALA A 64 9.82 -21.74 -9.56
C ALA A 64 9.49 -22.16 -10.98
N THR A 65 9.42 -23.48 -11.21
CA THR A 65 9.21 -24.02 -12.56
C THR A 65 7.75 -24.44 -12.78
N ASP A 66 6.83 -23.88 -12.01
CA ASP A 66 5.44 -24.29 -11.99
C ASP A 66 4.54 -23.29 -12.72
N GLY A 67 5.11 -22.41 -13.55
CA GLY A 67 4.36 -21.38 -14.22
C GLY A 67 4.23 -20.06 -13.44
N SER A 68 4.73 -20.02 -12.21
CA SER A 68 4.69 -18.74 -11.49
C SER A 68 5.58 -17.70 -12.15
N GLY A 69 5.24 -16.44 -11.88
CA GLY A 69 6.13 -15.36 -12.29
C GLY A 69 7.39 -15.31 -11.46
N THR A 70 8.23 -14.35 -11.83
CA THR A 70 9.54 -14.14 -11.24
C THR A 70 9.53 -12.86 -10.42
N ALA A 71 9.74 -13.00 -9.11
CA ALA A 71 9.67 -11.80 -8.25
C ALA A 71 10.89 -10.89 -8.41
N LEU A 72 10.63 -9.58 -8.31
CA LEU A 72 11.68 -8.58 -8.53
C LEU A 72 11.29 -7.27 -7.86
N GLY A 73 12.28 -6.39 -7.71
CA GLY A 73 11.98 -5.04 -7.27
C GLY A 73 13.13 -4.16 -7.64
N TRP A 74 12.87 -2.86 -7.71
CA TRP A 74 13.96 -1.89 -7.92
C TRP A 74 13.58 -0.54 -7.32
N THR A 75 14.61 0.30 -7.16
CA THR A 75 14.49 1.64 -6.60
C THR A 75 15.05 2.68 -7.55
N VAL A 76 14.38 3.82 -7.56
CA VAL A 76 14.93 5.08 -8.12
C VAL A 76 14.86 6.15 -7.05
N ALA A 77 15.98 6.82 -6.77
CA ALA A 77 15.96 8.10 -6.06
C ALA A 77 15.92 9.20 -7.08
N TRP A 78 14.98 10.13 -6.92
CA TRP A 78 14.70 11.08 -8.00
C TRP A 78 15.63 12.28 -8.02
N LYS A 79 16.92 11.98 -7.99
CA LYS A 79 17.99 12.96 -8.15
C LYS A 79 18.84 12.58 -9.33
N ASN A 80 19.04 13.54 -10.24
CA ASN A 80 20.00 13.37 -11.33
C ASN A 80 20.65 14.74 -11.58
N ASN A 81 21.34 14.88 -12.70
CA ASN A 81 22.04 16.13 -12.97
C ASN A 81 21.11 17.29 -13.26
N TYR A 82 19.83 17.01 -13.50
CA TYR A 82 18.88 18.03 -13.90
C TYR A 82 17.95 18.46 -12.77
N ARG A 83 17.52 17.55 -11.90
CA ARG A 83 16.52 17.87 -10.90
C ARG A 83 16.74 16.99 -9.67
N ASN A 84 16.20 17.44 -8.56
CA ASN A 84 16.15 16.62 -7.34
C ASN A 84 14.80 16.82 -6.68
N ALA A 85 13.94 15.78 -6.78
CA ALA A 85 12.63 15.83 -6.19
C ALA A 85 12.60 15.37 -4.74
N HIS A 86 13.76 15.04 -4.17
CA HIS A 86 13.84 14.64 -2.76
C HIS A 86 12.83 13.55 -2.45
N SER A 87 12.90 12.48 -3.23
CA SER A 87 11.92 11.39 -3.11
C SER A 87 12.54 10.13 -3.73
N ALA A 88 11.94 8.99 -3.43
CA ALA A 88 12.41 7.75 -4.03
C ALA A 88 11.19 6.88 -4.27
N THR A 89 11.17 6.13 -5.37
CA THR A 89 10.11 5.17 -5.61
C THR A 89 10.72 3.79 -5.62
N THR A 90 10.01 2.83 -5.03
CA THR A 90 10.36 1.42 -5.15
C THR A 90 9.21 0.71 -5.85
N TRP A 91 9.57 -0.13 -6.83
CA TRP A 91 8.58 -0.97 -7.51
C TRP A 91 8.84 -2.40 -7.07
N SER A 92 7.78 -3.07 -6.62
CA SER A 92 7.78 -4.47 -6.22
C SER A 92 6.82 -5.25 -7.12
N GLY A 93 7.27 -6.34 -7.69
CA GLY A 93 6.35 -7.02 -8.62
C GLY A 93 6.91 -8.32 -9.14
N GLN A 94 6.34 -8.75 -10.30
CA GLN A 94 6.81 -10.01 -10.86
C GLN A 94 6.82 -9.89 -12.37
N TYR A 95 7.81 -10.55 -12.95
CA TYR A 95 7.94 -10.69 -14.41
C TYR A 95 7.19 -11.95 -14.85
N VAL A 96 6.41 -11.80 -15.91
CA VAL A 96 5.65 -12.90 -16.51
C VAL A 96 6.07 -12.96 -17.97
N GLY A 97 6.72 -14.08 -18.36
CA GLY A 97 7.27 -14.20 -19.69
C GLY A 97 6.19 -14.61 -20.69
N GLY A 98 6.60 -14.80 -21.92
CA GLY A 98 5.69 -15.26 -22.95
C GLY A 98 5.49 -14.21 -24.02
N ALA A 99 4.57 -14.53 -24.94
CA ALA A 99 4.46 -13.73 -26.16
C ALA A 99 4.14 -12.28 -25.84
N GLU A 100 3.36 -12.10 -24.81
CA GLU A 100 3.05 -10.79 -24.34
C GLU A 100 3.69 -10.67 -22.93
N ALA A 101 4.99 -10.54 -22.89
CA ALA A 101 5.67 -10.44 -21.61
C ALA A 101 5.24 -9.20 -20.88
N ARG A 102 5.28 -9.31 -19.55
CA ARG A 102 4.92 -8.18 -18.73
C ARG A 102 5.61 -8.17 -17.37
N ILE A 103 5.82 -6.97 -16.87
CA ILE A 103 6.23 -6.88 -15.46
C ILE A 103 5.12 -6.10 -14.75
N ASN A 104 4.45 -6.77 -13.81
CA ASN A 104 3.31 -6.19 -13.08
C ASN A 104 3.85 -5.77 -11.73
N THR A 105 3.66 -4.49 -11.40
CA THR A 105 4.22 -3.94 -10.15
C THR A 105 3.20 -3.19 -9.34
N GLN A 106 3.51 -3.10 -8.05
CA GLN A 106 2.96 -2.06 -7.19
C GLN A 106 4.14 -1.21 -6.75
N TRP A 107 3.88 0.05 -6.42
CA TRP A 107 5.03 0.91 -6.07
C TRP A 107 4.68 1.80 -4.90
N LEU A 108 5.74 2.27 -4.25
CA LEU A 108 5.68 3.18 -3.10
C LEU A 108 6.62 4.35 -3.40
N LEU A 109 6.09 5.56 -3.38
CA LEU A 109 6.90 6.77 -3.60
C LEU A 109 6.95 7.55 -2.27
N THR A 110 8.13 7.61 -1.64
CA THR A 110 8.26 8.37 -0.39
C THR A 110 8.99 9.66 -0.67
N GLU A 111 8.43 10.79 -0.21
N GLU A 111 8.42 10.76 -0.16
CA GLU A 111 9.11 12.08 -0.26
CA GLU A 111 9.10 12.05 -0.17
C GLU A 111 9.72 12.37 1.11
C GLU A 111 9.81 12.25 1.16
N GLY A 112 10.92 12.95 1.12
CA GLY A 112 11.50 13.43 2.37
C GLY A 112 10.64 14.55 2.95
N THR A 113 10.27 14.43 4.22
CA THR A 113 9.34 15.39 4.82
C THR A 113 9.89 15.79 6.17
N THR A 114 9.31 16.86 6.73
CA THR A 114 9.50 17.06 8.15
C THR A 114 8.66 16.05 8.94
N GLU A 115 8.91 15.99 10.24
CA GLU A 115 8.18 15.04 11.03
C GLU A 115 6.69 15.36 11.02
N ALA A 116 6.32 16.66 11.05
CA ALA A 116 4.90 17.00 11.04
C ALA A 116 4.20 16.65 9.72
N ASN A 117 4.94 16.52 8.64
CA ASN A 117 4.33 16.14 7.35
C ASN A 117 4.51 14.66 7.05
N ALA A 118 5.08 13.87 7.94
CA ALA A 118 5.44 12.49 7.56
C ALA A 118 4.22 11.61 7.34
N TRP A 119 3.09 11.94 7.95
CA TRP A 119 1.91 11.10 7.74
C TRP A 119 1.47 11.09 6.28
N HIS A 120 1.82 12.11 5.50
CA HIS A 120 1.49 12.18 4.08
C HIS A 120 2.72 12.08 3.18
N SER A 121 3.72 11.33 3.62
CA SER A 121 4.95 11.22 2.86
C SER A 121 4.90 10.22 1.70
N THR A 122 3.95 9.28 1.68
CA THR A 122 4.10 8.12 0.81
C THR A 122 2.90 7.91 -0.10
N LEU A 123 3.13 7.96 -1.41
CA LEU A 123 2.12 7.54 -2.40
C LEU A 123 2.24 6.06 -2.72
N VAL A 124 1.11 5.48 -3.09
CA VAL A 124 1.09 4.09 -3.55
C VAL A 124 0.40 4.06 -4.90
N GLY A 125 0.90 3.20 -5.78
CA GLY A 125 0.29 3.03 -7.09
C GLY A 125 0.67 1.69 -7.70
N HIS A 126 0.31 1.54 -8.99
CA HIS A 126 0.62 0.29 -9.66
C HIS A 126 0.95 0.58 -11.11
N ASP A 127 2.02 0.00 -11.61
CA ASP A 127 2.43 0.16 -12.99
C ASP A 127 2.60 -1.20 -13.66
N THR A 128 2.14 -1.32 -14.90
CA THR A 128 2.37 -2.53 -15.68
C THR A 128 3.27 -2.18 -16.86
N PHE A 129 4.34 -2.93 -16.98
CA PHE A 129 5.35 -2.73 -18.03
C PHE A 129 5.21 -3.79 -19.10
N THR A 130 5.32 -3.35 -20.36
CA THR A 130 5.32 -4.24 -21.48
C THR A 130 6.50 -3.90 -22.40
N LYS A 131 6.90 -4.85 -23.22
CA LYS A 131 8.07 -4.62 -24.07
C LYS A 131 7.75 -3.56 -25.08
N VAL A 132 6.52 -3.50 -25.53
CA VAL A 132 6.02 -2.50 -26.52
CA VAL A 132 6.07 -2.50 -26.49
C VAL A 132 5.33 -1.27 -25.82
N LYS A 133 5.60 -0.11 -26.37
CA LYS A 133 5.06 1.10 -25.76
C LYS A 133 3.68 1.24 -26.14
N PRO A 134 2.84 1.51 -25.14
CA PRO A 134 1.46 1.75 -25.48
C PRO A 134 1.38 3.03 -26.29
N ARG B 11 23.86 15.33 2.79
CA ARG B 11 25.04 14.48 2.93
C ARG B 11 24.83 13.60 4.12
N ASP B 12 24.03 12.56 3.92
CA ASP B 12 23.81 11.61 5.00
C ASP B 12 24.58 10.32 4.75
N GLU B 13 25.62 10.38 3.93
CA GLU B 13 26.39 9.16 3.74
C GLU B 13 26.81 8.52 5.09
N ALA B 14 27.45 9.29 5.98
CA ALA B 14 27.90 8.66 7.23
C ALA B 14 26.73 8.27 8.13
N GLY B 15 25.65 9.07 8.12
CA GLY B 15 24.53 8.76 8.99
C GLY B 15 23.82 7.49 8.59
N ILE B 16 23.71 7.24 7.27
CA ILE B 16 22.98 6.05 6.84
C ILE B 16 23.85 4.81 6.92
N THR B 17 25.14 4.91 6.59
CA THR B 17 26.01 3.73 6.56
C THR B 17 26.10 3.06 7.94
N GLY B 18 25.91 1.76 7.98
CA GLY B 18 26.02 1.06 9.24
C GLY B 18 24.98 -0.03 9.37
N THR B 19 24.82 -0.46 10.62
CA THR B 19 23.90 -1.53 11.00
C THR B 19 22.64 -0.96 11.63
N TRP B 20 21.48 -1.39 11.14
CA TRP B 20 20.20 -0.94 11.65
C TRP B 20 19.35 -2.15 11.99
N TYR B 21 18.39 -1.95 12.88
CA TYR B 21 17.54 -3.02 13.34
C TYR B 21 16.09 -2.56 13.32
N ASN B 22 15.15 -3.43 12.89
CA ASN B 22 13.76 -3.01 12.93
C ASN B 22 13.04 -3.63 14.12
N GLN B 23 11.75 -3.37 14.18
CA GLN B 23 10.93 -3.77 15.34
C GLN B 23 10.74 -5.26 15.45
N LEU B 24 11.00 -6.02 14.40
CA LEU B 24 10.94 -7.47 14.40
C LEU B 24 12.25 -8.10 14.83
N GLY B 25 13.28 -7.31 14.98
CA GLY B 25 14.61 -7.84 15.21
C GLY B 25 15.41 -8.18 13.98
N SER B 26 14.94 -7.78 12.79
CA SER B 26 15.76 -7.98 11.60
C SER B 26 16.92 -7.00 11.54
N THR B 27 17.99 -7.37 10.81
CA THR B 27 19.24 -6.63 10.72
C THR B 27 19.50 -6.15 9.31
N PHE B 28 19.60 -4.84 9.15
CA PHE B 28 19.82 -4.18 7.86
C PHE B 28 21.22 -3.58 7.89
N ILE B 29 22.13 -4.14 7.12
CA ILE B 29 23.50 -3.68 7.05
C ILE B 29 23.70 -2.96 5.73
N VAL B 30 24.02 -1.66 5.77
CA VAL B 30 24.08 -0.88 4.53
C VAL B 30 25.30 0.03 4.44
N THR B 31 25.76 0.21 3.21
CA THR B 31 26.74 1.23 2.90
C THR B 31 26.11 2.23 1.94
N ALA B 32 26.14 3.49 2.31
CA ALA B 32 25.69 4.56 1.40
C ALA B 32 26.88 5.14 0.65
N GLY B 33 26.82 5.07 -0.65
CA GLY B 33 27.86 5.64 -1.51
C GLY B 33 27.65 7.11 -1.83
N ALA B 34 28.74 7.80 -2.15
CA ALA B 34 28.63 9.22 -2.43
C ALA B 34 27.76 9.49 -3.65
N ASP B 35 27.58 8.49 -4.50
CA ASP B 35 26.82 8.62 -5.74
C ASP B 35 25.34 8.34 -5.56
N GLY B 36 24.87 8.10 -4.34
CA GLY B 36 23.47 7.74 -4.15
C GLY B 36 23.21 6.26 -4.03
N ALA B 37 24.22 5.42 -4.08
CA ALA B 37 24.02 3.99 -3.96
C ALA B 37 23.81 3.42 -2.57
N LEU B 38 22.99 2.39 -2.47
CA LEU B 38 22.85 1.66 -1.21
C LEU B 38 23.20 0.21 -1.51
N THR B 39 24.15 -0.33 -0.76
N THR B 39 24.17 -0.31 -0.75
CA THR B 39 24.54 -1.71 -0.91
CA THR B 39 24.54 -1.70 -0.91
C THR B 39 24.67 -2.35 0.47
C THR B 39 24.68 -2.36 0.45
N GLY B 40 24.38 -3.64 0.54
CA GLY B 40 24.51 -4.34 1.79
C GLY B 40 23.84 -5.66 1.90
N THR B 41 23.45 -5.99 3.12
CA THR B 41 22.81 -7.25 3.39
C THR B 41 21.62 -7.09 4.33
N TYR B 42 20.67 -8.00 4.21
CA TYR B 42 19.53 -8.00 5.09
C TYR B 42 19.30 -9.40 5.67
N GLU B 43 18.95 -9.44 6.95
CA GLU B 43 18.66 -10.69 7.63
C GLU B 43 17.33 -10.52 8.33
N SER B 44 16.35 -11.29 7.90
CA SER B 44 15.04 -11.21 8.50
C SER B 44 14.86 -12.11 9.68
N ALA B 45 14.31 -11.55 10.73
CA ALA B 45 14.01 -12.35 11.90
C ALA B 45 12.77 -13.19 11.72
N VAL B 46 12.02 -12.91 10.67
CA VAL B 46 10.79 -13.61 10.42
C VAL B 46 10.65 -14.10 8.97
N GLY B 47 9.72 -15.01 8.77
CA GLY B 47 9.45 -15.47 7.42
C GLY B 47 10.27 -16.61 6.84
N ASN B 48 10.17 -16.75 5.53
CA ASN B 48 10.86 -17.84 4.85
C ASN B 48 12.25 -17.32 4.54
N ALA B 49 13.09 -17.28 5.57
CA ALA B 49 14.40 -16.70 5.44
C ALA B 49 15.44 -17.21 6.40
N GLU B 50 16.66 -17.27 5.93
CA GLU B 50 17.77 -17.67 6.75
C GLU B 50 19.02 -16.93 6.34
N SER B 51 19.75 -16.41 7.30
CA SER B 51 20.99 -15.71 7.08
C SER B 51 20.83 -14.46 6.24
N ARG B 52 21.89 -14.09 5.59
CA ARG B 52 21.89 -12.83 4.88
C ARG B 52 21.57 -12.89 3.41
N TYR B 53 20.88 -11.85 2.97
CA TYR B 53 20.54 -11.71 1.59
C TYR B 53 21.09 -10.39 1.05
N VAL B 54 21.38 -10.37 -0.23
CA VAL B 54 21.88 -9.18 -0.86
C VAL B 54 20.81 -8.09 -1.01
N LEU B 55 21.20 -6.85 -0.72
CA LEU B 55 20.31 -5.73 -0.98
C LEU B 55 21.10 -4.68 -1.81
N THR B 56 20.18 -3.99 -2.61
N THR B 56 20.17 -3.98 -2.58
CA THR B 56 20.70 -2.84 -3.30
CA THR B 56 20.70 -2.85 -3.33
C THR B 56 19.60 -1.78 -3.36
C THR B 56 19.61 -1.79 -3.38
N GLY B 57 19.99 -0.52 -3.37
CA GLY B 57 19.02 0.55 -3.45
C GLY B 57 19.62 1.91 -3.73
N ARG B 58 18.83 2.92 -3.48
CA ARG B 58 19.27 4.30 -3.78
C ARG B 58 18.77 5.24 -2.70
N TYR B 59 19.50 6.35 -2.48
CA TYR B 59 19.03 7.38 -1.58
C TYR B 59 19.35 8.74 -2.20
N ASP B 60 18.63 9.76 -1.75
CA ASP B 60 18.86 11.17 -2.12
C ASP B 60 20.17 11.66 -1.46
N SER B 61 21.19 11.81 -2.28
CA SER B 61 22.50 12.20 -1.75
C SER B 61 22.63 13.70 -1.57
N ALA B 62 21.60 14.48 -1.88
CA ALA B 62 21.63 15.93 -1.64
C ALA B 62 20.25 16.34 -1.13
N PRO B 63 19.91 15.96 0.09
CA PRO B 63 18.56 16.19 0.62
C PRO B 63 18.33 17.67 0.91
N ALA B 64 17.06 18.00 1.09
CA ALA B 64 16.71 19.39 1.41
C ALA B 64 17.31 19.77 2.77
N THR B 65 17.55 21.07 2.96
CA THR B 65 18.18 21.57 4.17
C THR B 65 17.17 22.29 5.07
N ASP B 66 15.91 21.87 5.03
CA ASP B 66 14.83 22.48 5.78
C ASP B 66 14.31 21.59 6.90
N GLY B 67 15.09 20.59 7.31
CA GLY B 67 14.65 19.67 8.32
C GLY B 67 13.94 18.44 7.79
N SER B 68 13.74 18.35 6.50
CA SER B 68 13.11 17.15 5.95
C SER B 68 14.02 15.94 6.08
N GLY B 69 13.41 14.78 6.09
CA GLY B 69 14.18 13.54 6.02
C GLY B 69 14.74 13.32 4.63
N THR B 70 15.51 12.22 4.54
CA THR B 70 16.25 11.84 3.33
C THR B 70 15.57 10.64 2.70
N ALA B 71 15.04 10.81 1.49
CA ALA B 71 14.30 9.70 0.88
C ALA B 71 15.23 8.59 0.40
N LEU B 72 14.75 7.34 0.52
CA LEU B 72 15.58 6.21 0.13
C LEU B 72 14.69 5.00 -0.12
N GLY B 73 15.30 3.98 -0.73
CA GLY B 73 14.60 2.71 -0.83
C GLY B 73 15.58 1.64 -1.19
N TRP B 74 15.19 0.38 -0.94
CA TRP B 74 16.04 -0.73 -1.34
C TRP B 74 15.20 -1.96 -1.57
N THR B 75 15.85 -2.98 -2.18
CA THR B 75 15.21 -4.24 -2.55
C THR B 75 16.02 -5.42 -2.03
N VAL B 76 15.33 -6.44 -1.58
CA VAL B 76 15.88 -7.79 -1.35
C VAL B 76 15.06 -8.78 -2.15
N ALA B 77 15.73 -9.63 -2.95
CA ALA B 77 15.12 -10.85 -3.49
C ALA B 77 15.51 -11.99 -2.57
N TRP B 78 14.50 -12.75 -2.12
CA TRP B 78 14.72 -13.69 -1.03
C TRP B 78 15.30 -15.03 -1.47
N LYS B 79 16.38 -14.93 -2.20
CA LYS B 79 17.18 -16.07 -2.66
C LYS B 79 18.59 -15.87 -2.16
N ASN B 80 19.11 -16.89 -1.47
CA ASN B 80 20.52 -16.90 -1.10
C ASN B 80 20.99 -18.35 -1.24
N ASN B 81 22.18 -18.64 -0.70
CA ASN B 81 22.68 -20.04 -0.80
C ASN B 81 21.90 -21.02 0.05
N TYR B 82 21.05 -20.55 0.97
CA TYR B 82 20.30 -21.45 1.86
C TYR B 82 18.84 -21.66 1.49
N ARG B 83 18.18 -20.65 0.93
CA ARG B 83 16.74 -20.74 0.69
C ARG B 83 16.38 -19.86 -0.50
N ASN B 84 15.24 -20.17 -1.10
CA ASN B 84 14.68 -19.32 -2.15
C ASN B 84 13.17 -19.31 -1.92
N ALA B 85 12.66 -18.16 -1.42
CA ALA B 85 11.24 -17.97 -1.18
C ALA B 85 10.51 -17.39 -2.39
N HIS B 86 11.18 -17.24 -3.51
CA HIS B 86 10.56 -16.77 -4.75
C HIS B 86 9.69 -15.54 -4.51
N SER B 87 10.35 -14.52 -3.98
CA SER B 87 9.67 -13.29 -3.54
C SER B 87 10.73 -12.21 -3.41
N ALA B 88 10.25 -10.97 -3.39
CA ALA B 88 11.13 -9.83 -3.24
C ALA B 88 10.40 -8.79 -2.41
N THR B 89 11.14 -8.11 -1.55
CA THR B 89 10.59 -6.99 -0.77
C THR B 89 11.28 -5.71 -1.15
N THR B 90 10.52 -4.64 -1.33
CA THR B 90 11.09 -3.31 -1.46
C THR B 90 10.66 -2.48 -0.27
N TRP B 91 11.62 -1.76 0.32
CA TRP B 91 11.31 -0.80 1.38
C TRP B 91 11.49 0.58 0.81
N SER B 92 10.49 1.42 1.02
CA SER B 92 10.50 2.84 0.59
C SER B 92 10.32 3.72 1.84
N GLY B 93 11.19 4.70 2.01
CA GLY B 93 11.10 5.42 3.27
C GLY B 93 11.97 6.66 3.32
N GLN B 94 12.20 7.12 4.56
CA GLN B 94 13.11 8.25 4.71
C GLN B 94 13.94 8.07 5.96
N TYR B 95 15.19 8.52 5.85
CA TYR B 95 16.10 8.58 7.01
C TYR B 95 15.92 9.92 7.73
N VAL B 96 15.83 9.85 9.06
CA VAL B 96 15.73 11.01 9.95
C VAL B 96 16.92 10.93 10.91
N GLY B 97 17.84 11.90 10.80
CA GLY B 97 19.03 11.87 11.63
C GLY B 97 18.76 12.43 13.01
N GLY B 98 19.79 12.42 13.84
CA GLY B 98 19.68 12.94 15.19
C GLY B 98 19.94 11.86 16.22
N ALA B 99 19.77 12.27 17.49
CA ALA B 99 20.23 11.41 18.57
C ALA B 99 19.50 10.09 18.56
N GLU B 100 18.25 10.15 18.11
CA GLU B 100 17.48 8.96 17.94
C GLU B 100 17.26 8.84 16.41
N ALA B 101 18.32 8.55 15.70
CA ALA B 101 18.22 8.38 14.24
C ALA B 101 17.26 7.27 13.91
N ARG B 102 16.55 7.44 12.79
CA ARG B 102 15.57 6.43 12.40
C ARG B 102 15.48 6.36 10.88
N ILE B 103 15.18 5.17 10.39
CA ILE B 103 14.73 5.03 9.00
C ILE B 103 13.29 4.50 9.09
N ASN B 104 12.33 5.31 8.64
CA ASN B 104 10.91 4.94 8.69
C ASN B 104 10.53 4.49 7.29
N THR B 105 10.03 3.27 7.16
CA THR B 105 9.69 2.70 5.85
C THR B 105 8.27 2.13 5.80
N GLN B 106 7.79 2.05 4.56
CA GLN B 106 6.70 1.16 4.17
C GLN B 106 7.30 0.17 3.19
N TRP B 107 6.71 -1.04 3.11
CA TRP B 107 7.32 -2.04 2.24
C TRP B 107 6.25 -2.81 1.50
N LEU B 108 6.68 -3.37 0.37
CA LEU B 108 5.84 -4.22 -0.51
C LEU B 108 6.60 -5.53 -0.72
N LEU B 109 5.98 -6.66 -0.35
N LEU B 109 5.95 -6.65 -0.39
CA LEU B 109 6.58 -7.96 -0.60
CA LEU B 109 6.53 -7.98 -0.57
C LEU B 109 5.74 -8.67 -1.67
C LEU B 109 5.74 -8.73 -1.64
N THR B 110 6.35 -8.93 -2.82
CA THR B 110 5.66 -9.63 -3.91
C THR B 110 6.21 -11.04 -4.04
N GLU B 111 5.30 -12.00 -4.08
N GLU B 111 5.31 -12.03 -4.05
CA GLU B 111 5.67 -13.38 -4.39
CA GLU B 111 5.67 -13.42 -4.33
C GLU B 111 5.46 -13.61 -5.88
C GLU B 111 5.39 -13.73 -5.79
N GLY B 112 6.30 -14.47 -6.46
CA GLY B 112 5.99 -14.99 -7.80
C GLY B 112 4.77 -15.90 -7.73
N THR B 113 3.77 -15.68 -8.58
CA THR B 113 2.55 -16.47 -8.54
C THR B 113 2.15 -16.87 -9.95
N THR B 114 1.23 -17.84 -10.03
CA THR B 114 0.57 -17.99 -11.30
C THR B 114 -0.38 -16.83 -11.53
N GLU B 115 -0.89 -16.71 -12.73
CA GLU B 115 -1.81 -15.66 -12.99
C GLU B 115 -3.07 -15.73 -12.15
N ALA B 116 -3.57 -16.94 -11.95
CA ALA B 116 -4.76 -17.10 -11.13
C ALA B 116 -4.55 -16.65 -9.69
N ASN B 117 -3.33 -16.66 -9.19
CA ASN B 117 -3.06 -16.28 -7.80
C ASN B 117 -2.51 -14.85 -7.69
N ALA B 118 -2.43 -14.13 -8.79
CA ALA B 118 -1.69 -12.86 -8.73
C ALA B 118 -2.42 -11.79 -7.94
N TRP B 119 -3.75 -11.89 -7.82
CA TRP B 119 -4.46 -10.92 -6.99
C TRP B 119 -4.01 -10.93 -5.53
N HIS B 120 -3.45 -12.04 -5.06
CA HIS B 120 -2.95 -12.11 -3.69
C HIS B 120 -1.45 -12.23 -3.64
N SER B 121 -0.77 -11.63 -4.61
CA SER B 121 0.69 -11.75 -4.67
C SER B 121 1.44 -10.85 -3.70
N THR B 122 0.85 -9.76 -3.19
CA THR B 122 1.66 -8.67 -2.62
C THR B 122 1.18 -8.33 -1.20
N LEU B 123 2.07 -8.44 -0.24
CA LEU B 123 1.85 -7.95 1.12
C LEU B 123 2.37 -6.53 1.24
N VAL B 124 1.73 -5.78 2.15
CA VAL B 124 2.18 -4.43 2.48
C VAL B 124 2.39 -4.36 4.00
N GLY B 125 3.43 -3.63 4.39
CA GLY B 125 3.67 -3.38 5.80
C GLY B 125 4.52 -2.15 6.03
N HIS B 126 4.96 -2.02 7.31
CA HIS B 126 5.78 -0.87 7.65
C HIS B 126 6.81 -1.30 8.70
N ASP B 127 8.06 -0.93 8.45
CA ASP B 127 9.15 -1.20 9.38
C ASP B 127 9.86 0.14 9.70
N THR B 128 10.18 0.18 11.09
N THR B 128 10.19 0.20 11.08
CA THR B 128 10.98 1.29 11.58
CA THR B 128 10.97 1.32 11.56
C THR B 128 12.33 0.73 12.01
C THR B 128 12.31 0.82 12.08
N PHE B 129 13.39 1.34 11.50
CA PHE B 129 14.76 0.93 11.83
C PHE B 129 15.40 1.94 12.75
N THR B 130 16.13 1.41 13.76
CA THR B 130 16.94 2.26 14.64
C THR B 130 18.35 1.70 14.73
N LYS B 131 19.27 2.57 15.24
CA LYS B 131 20.68 2.16 15.38
C LYS B 131 20.93 1.25 16.57
N VAL B 132 19.97 1.10 17.46
CA VAL B 132 20.03 0.17 18.59
C VAL B 132 18.91 -0.84 18.42
N LYS B 133 19.16 -2.11 18.79
CA LYS B 133 18.25 -3.23 18.56
C LYS B 133 17.18 -3.31 19.63
N PRO B 134 16.00 -3.88 19.31
CA PRO B 134 15.01 -4.15 20.36
C PRO B 134 15.45 -5.34 21.21
N ARG C 11 -23.85 14.41 -6.17
CA ARG C 11 -23.75 14.77 -7.56
C ARG C 11 -23.69 13.50 -8.34
N ASP C 12 -22.95 12.53 -7.82
CA ASP C 12 -22.90 11.34 -8.66
C ASP C 12 -23.71 10.21 -8.04
N GLU C 13 -24.72 10.55 -7.27
CA GLU C 13 -25.58 9.51 -6.71
C GLU C 13 -26.07 8.54 -7.79
N ALA C 14 -26.64 9.05 -8.88
CA ALA C 14 -27.16 8.09 -9.87
C ALA C 14 -26.04 7.42 -10.66
N GLY C 15 -24.90 8.10 -10.82
CA GLY C 15 -23.81 7.49 -11.58
C GLY C 15 -23.18 6.34 -10.82
N ILE C 16 -23.06 6.47 -9.49
CA ILE C 16 -22.43 5.42 -8.71
C ILE C 16 -23.39 4.28 -8.45
N THR C 17 -24.67 4.60 -8.19
CA THR C 17 -25.62 3.55 -7.80
C THR C 17 -25.78 2.49 -8.90
N GLY C 18 -25.72 1.22 -8.52
CA GLY C 18 -25.89 0.21 -9.54
C GLY C 18 -24.94 -0.95 -9.34
N THR C 19 -24.83 -1.76 -10.38
CA THR C 19 -24.00 -2.96 -10.41
C THR C 19 -22.70 -2.68 -11.14
N TRP C 20 -21.59 -3.07 -10.52
CA TRP C 20 -20.29 -2.90 -11.14
C TRP C 20 -19.55 -4.21 -11.10
N TYR C 21 -18.56 -4.35 -11.99
CA TYR C 21 -17.81 -5.57 -12.15
C TYR C 21 -16.32 -5.25 -12.24
N ASN C 22 -15.48 -6.00 -11.55
CA ASN C 22 -14.06 -5.72 -11.70
C ASN C 22 -13.37 -6.72 -12.63
N GLN C 23 -12.06 -6.62 -12.74
CA GLN C 23 -11.28 -7.41 -13.70
C GLN C 23 -11.22 -8.88 -13.36
N LEU C 24 -11.51 -9.25 -12.12
CA LEU C 24 -11.55 -10.64 -11.65
C LEU C 24 -12.91 -11.26 -11.92
N GLY C 25 -13.86 -10.45 -12.33
CA GLY C 25 -15.25 -10.90 -12.42
C GLY C 25 -16.05 -10.83 -11.13
N SER C 26 -15.54 -10.12 -10.12
CA SER C 26 -16.33 -9.88 -8.94
C SER C 26 -17.44 -8.87 -9.17
N THR C 27 -18.54 -8.94 -8.37
CA THR C 27 -19.73 -8.11 -8.54
C THR C 27 -19.94 -7.22 -7.34
N PHE C 28 -19.97 -5.92 -7.58
CA PHE C 28 -20.09 -4.87 -6.56
C PHE C 28 -21.45 -4.22 -6.78
N ILE C 29 -22.39 -4.43 -5.86
CA ILE C 29 -23.73 -3.86 -5.94
C ILE C 29 -23.85 -2.76 -4.91
N VAL C 30 -24.09 -1.52 -5.35
CA VAL C 30 -24.04 -0.39 -4.42
C VAL C 30 -25.18 0.60 -4.62
N THR C 31 -25.64 1.17 -3.53
CA THR C 31 -26.54 2.31 -3.52
C THR C 31 -25.82 3.49 -2.89
N ALA C 32 -25.75 4.61 -3.61
CA ALA C 32 -25.18 5.84 -3.07
C ALA C 32 -26.32 6.70 -2.55
N GLY C 33 -26.26 7.05 -1.28
CA GLY C 33 -27.27 7.89 -0.67
C GLY C 33 -26.98 9.37 -0.80
N ALA C 34 -28.04 10.17 -0.67
CA ALA C 34 -27.85 11.60 -0.84
C ALA C 34 -26.90 12.19 0.20
N ASP C 35 -26.76 11.53 1.34
CA ASP C 35 -25.94 11.98 2.47
C ASP C 35 -24.47 11.56 2.35
N GLY C 36 -24.08 10.85 1.31
CA GLY C 36 -22.72 10.36 1.26
C GLY C 36 -22.56 8.91 1.61
N ALA C 37 -23.63 8.20 1.96
CA ALA C 37 -23.52 6.77 2.30
C ALA C 37 -23.36 5.87 1.09
N LEU C 38 -22.66 4.76 1.32
CA LEU C 38 -22.60 3.68 0.33
C LEU C 38 -23.05 2.41 1.04
N THR C 39 -24.04 1.74 0.47
N THR C 39 -24.06 1.66 0.50
CA THR C 39 -24.55 0.47 0.98
CA THR C 39 -24.57 0.38 1.02
C THR C 39 -24.76 -0.53 -0.15
C THR C 39 -24.77 -0.62 -0.11
N GLY C 40 -24.51 -1.79 0.21
CA GLY C 40 -24.74 -2.84 -0.75
C GLY C 40 -24.14 -4.19 -0.44
N THR C 41 -23.79 -4.91 -1.51
CA THR C 41 -23.21 -6.24 -1.36
C THR C 41 -22.05 -6.42 -2.33
N TYR C 42 -21.17 -7.34 -1.96
CA TYR C 42 -20.00 -7.68 -2.76
C TYR C 42 -19.94 -9.18 -2.88
N GLU C 43 -19.65 -9.66 -4.08
CA GLU C 43 -19.49 -11.08 -4.36
C GLU C 43 -18.13 -11.22 -5.04
N SER C 44 -17.19 -11.89 -4.40
CA SER C 44 -15.85 -12.05 -4.96
C SER C 44 -15.80 -13.28 -5.84
N ALA C 45 -15.24 -13.10 -7.04
CA ALA C 45 -14.97 -14.28 -7.89
C ALA C 45 -13.79 -15.12 -7.43
N VAL C 46 -12.97 -14.63 -6.50
CA VAL C 46 -11.78 -15.33 -6.06
C VAL C 46 -11.72 -15.36 -4.53
N GLY C 47 -10.84 -16.22 -4.03
CA GLY C 47 -10.55 -16.21 -2.59
C GLY C 47 -11.49 -17.06 -1.78
N ASN C 48 -11.38 -16.88 -0.46
CA ASN C 48 -12.15 -17.68 0.49
C ASN C 48 -13.47 -16.94 0.69
N ALA C 49 -14.37 -17.11 -0.29
CA ALA C 49 -15.61 -16.35 -0.42
C ALA C 49 -16.66 -17.08 -1.23
N GLU C 50 -17.91 -16.98 -0.77
CA GLU C 50 -19.06 -17.55 -1.44
C GLU C 50 -20.24 -16.62 -1.27
N SER C 51 -20.92 -16.29 -2.38
N SER C 51 -20.92 -16.31 -2.38
CA SER C 51 -22.17 -15.53 -2.43
CA SER C 51 -22.18 -15.56 -2.37
C SER C 51 -21.90 -14.11 -1.97
C SER C 51 -21.90 -14.13 -1.94
N ARG C 52 -22.90 -13.44 -1.42
CA ARG C 52 -22.79 -12.00 -1.19
C ARG C 52 -22.42 -11.68 0.24
N TYR C 53 -21.65 -10.60 0.41
CA TYR C 53 -21.26 -10.08 1.70
C TYR C 53 -21.74 -8.63 1.81
N VAL C 54 -22.05 -8.21 3.03
CA VAL C 54 -22.47 -6.82 3.27
C VAL C 54 -21.30 -5.88 3.04
N LEU C 55 -21.57 -4.75 2.42
CA LEU C 55 -20.56 -3.69 2.37
C LEU C 55 -21.19 -2.37 2.81
N THR C 56 -20.33 -1.51 3.37
CA THR C 56 -20.75 -0.15 3.65
C THR C 56 -19.57 0.77 3.38
N GLY C 57 -19.88 2.03 3.04
CA GLY C 57 -18.77 2.94 2.78
C GLY C 57 -19.29 4.36 2.70
N ARG C 58 -18.46 5.23 2.12
CA ARG C 58 -18.77 6.67 2.01
C ARG C 58 -18.22 7.19 0.70
N TYR C 59 -18.86 8.25 0.16
CA TYR C 59 -18.34 8.92 -1.03
C TYR C 59 -18.53 10.42 -0.83
N ASP C 60 -17.73 11.19 -1.59
CA ASP C 60 -17.88 12.66 -1.66
C ASP C 60 -19.15 13.01 -2.43
N SER C 61 -20.14 13.50 -1.71
CA SER C 61 -21.42 13.82 -2.36
C SER C 61 -21.44 15.23 -2.93
N ALA C 62 -20.33 15.96 -2.89
CA ALA C 62 -20.26 17.26 -3.54
C ALA C 62 -18.87 17.41 -4.15
N PRO C 63 -18.58 16.63 -5.19
CA PRO C 63 -17.23 16.59 -5.76
C PRO C 63 -16.89 17.89 -6.46
N ALA C 64 -15.60 18.08 -6.70
CA ALA C 64 -15.15 19.27 -7.41
C ALA C 64 -15.72 19.26 -8.84
N THR C 65 -15.84 20.46 -9.42
CA THR C 65 -16.43 20.62 -10.75
C THR C 65 -15.38 20.96 -11.80
N ASP C 66 -14.14 20.52 -11.59
CA ASP C 66 -13.02 20.80 -12.47
C ASP C 66 -12.60 19.58 -13.28
N GLY C 67 -13.48 18.60 -13.44
CA GLY C 67 -13.14 17.36 -14.12
C GLY C 67 -12.54 16.29 -13.22
N SER C 68 -12.37 16.56 -11.95
CA SER C 68 -11.80 15.52 -11.09
C SER C 68 -12.80 14.38 -10.83
N GLY C 69 -12.27 13.21 -10.52
CA GLY C 69 -13.11 12.13 -10.06
C GLY C 69 -13.68 12.38 -8.67
N THR C 70 -14.54 11.44 -8.26
CA THR C 70 -15.26 11.51 -6.99
C THR C 70 -14.65 10.49 -6.03
N ALA C 71 -14.12 10.95 -4.91
CA ALA C 71 -13.47 10.01 -3.99
C ALA C 71 -14.47 9.19 -3.20
N LEU C 72 -14.11 7.93 -2.94
CA LEU C 72 -15.00 7.03 -2.23
C LEU C 72 -14.21 5.88 -1.62
N GLY C 73 -14.87 5.15 -0.75
CA GLY C 73 -14.25 3.92 -0.24
C GLY C 73 -15.31 3.07 0.37
N TRP C 74 -15.01 1.77 0.51
CA TRP C 74 -15.96 0.89 1.21
C TRP C 74 -15.22 -0.28 1.81
N THR C 75 -15.92 -0.98 2.74
CA THR C 75 -15.40 -2.12 3.46
C THR C 75 -16.30 -3.34 3.29
N VAL C 76 -15.68 -4.51 3.17
CA VAL C 76 -16.34 -5.80 3.34
C VAL C 76 -15.60 -6.58 4.42
N ALA C 77 -16.33 -7.06 5.43
CA ALA C 77 -15.80 -8.11 6.28
C ALA C 77 -16.26 -9.47 5.76
N TRP C 78 -15.32 -10.40 5.60
CA TRP C 78 -15.61 -11.61 4.83
C TRP C 78 -16.29 -12.70 5.64
N LYS C 79 -17.36 -12.29 6.31
CA LYS C 79 -18.22 -13.19 7.06
C LYS C 79 -19.62 -13.06 6.50
N ASN C 80 -20.24 -14.20 6.20
CA ASN C 80 -21.64 -14.20 5.84
C ASN C 80 -22.23 -15.53 6.36
N ASN C 81 -23.41 -15.87 5.88
CA ASN C 81 -24.03 -17.10 6.37
C ASN C 81 -23.35 -18.37 5.90
N TYR C 82 -22.47 -18.29 4.91
CA TYR C 82 -21.82 -19.45 4.33
C TYR C 82 -20.39 -19.65 4.78
N ARG C 83 -19.64 -18.56 5.01
CA ARG C 83 -18.22 -18.68 5.29
C ARG C 83 -17.77 -17.53 6.17
N ASN C 84 -16.66 -17.73 6.85
CA ASN C 84 -16.02 -16.63 7.59
C ASN C 84 -14.51 -16.78 7.38
N ALA C 85 -13.96 -15.89 6.56
CA ALA C 85 -12.53 -15.87 6.29
C ALA C 85 -11.71 -15.05 7.30
N HIS C 86 -12.34 -14.49 8.32
CA HIS C 86 -11.66 -13.74 9.38
C HIS C 86 -10.71 -12.70 8.78
N SER C 87 -11.32 -11.82 7.97
CA SER C 87 -10.54 -10.84 7.20
C SER C 87 -11.49 -9.77 6.70
N ALA C 88 -10.90 -8.65 6.32
CA ALA C 88 -11.73 -7.57 5.82
C ALA C 88 -10.93 -6.89 4.72
N THR C 89 -11.62 -6.43 3.68
CA THR C 89 -10.99 -5.65 2.61
C THR C 89 -11.59 -4.27 2.58
N THR C 90 -10.74 -3.25 2.44
CA THR C 90 -11.20 -1.89 2.17
C THR C 90 -10.73 -1.49 0.80
N TRP C 91 -11.64 -0.93 0.01
CA TRP C 91 -11.28 -0.34 -1.27
C TRP C 91 -11.33 1.17 -1.15
N SER C 92 -10.27 1.82 -1.59
CA SER C 92 -10.17 3.28 -1.59
C SER C 92 -9.95 3.74 -3.05
N GLY C 93 -10.75 4.70 -3.52
CA GLY C 93 -10.62 5.01 -4.94
C GLY C 93 -11.42 6.22 -5.37
N GLN C 94 -11.65 6.30 -6.70
CA GLN C 94 -12.45 7.39 -7.21
C GLN C 94 -13.31 6.89 -8.36
N TYR C 95 -14.51 7.45 -8.40
CA TYR C 95 -15.43 7.26 -9.54
C TYR C 95 -15.16 8.32 -10.61
N VAL C 96 -15.10 7.84 -11.86
CA VAL C 96 -14.91 8.70 -13.03
C VAL C 96 -16.11 8.46 -13.94
N GLY C 97 -16.90 9.52 -14.19
CA GLY C 97 -18.14 9.35 -14.91
C GLY C 97 -17.91 9.23 -16.42
N GLY C 98 -18.99 9.16 -17.15
CA GLY C 98 -18.92 9.31 -18.59
C GLY C 98 -19.19 8.02 -19.32
N ALA C 99 -18.94 8.05 -20.63
CA ALA C 99 -19.43 6.98 -21.49
C ALA C 99 -18.93 5.63 -21.03
N GLU C 100 -17.66 5.55 -20.65
CA GLU C 100 -17.09 4.38 -20.02
C GLU C 100 -16.78 4.76 -18.57
N ALA C 101 -17.84 4.79 -17.76
CA ALA C 101 -17.68 5.03 -16.33
C ALA C 101 -16.77 4.00 -15.70
N ARG C 102 -16.05 4.45 -14.69
CA ARG C 102 -15.19 3.55 -13.96
C ARG C 102 -14.99 3.93 -12.52
N ILE C 103 -14.80 2.90 -11.70
CA ILE C 103 -14.34 3.16 -10.32
C ILE C 103 -12.94 2.54 -10.25
N ASN C 104 -11.91 3.37 -10.11
CA ASN C 104 -10.52 2.88 -9.99
C ASN C 104 -10.18 2.84 -8.50
N THR C 105 -9.75 1.68 -8.01
CA THR C 105 -9.44 1.52 -6.58
C THR C 105 -8.07 0.89 -6.35
N GLN C 106 -7.60 1.16 -5.13
CA GLN C 106 -6.58 0.34 -4.49
C GLN C 106 -7.23 -0.26 -3.26
N TRP C 107 -6.74 -1.44 -2.83
CA TRP C 107 -7.40 -2.07 -1.69
C TRP C 107 -6.38 -2.67 -0.74
N LEU C 108 -6.84 -2.88 0.49
CA LEU C 108 -6.04 -3.45 1.57
C LEU C 108 -6.88 -4.58 2.17
N LEU C 109 -6.32 -5.79 2.20
N LEU C 109 -6.33 -5.79 2.22
CA LEU C 109 -6.99 -6.94 2.79
CA LEU C 109 -7.07 -6.93 2.79
C LEU C 109 -6.24 -7.32 4.06
C LEU C 109 -6.30 -7.36 4.03
N THR C 110 -6.87 -7.15 5.22
CA THR C 110 -6.24 -7.57 6.49
C THR C 110 -6.89 -8.82 7.01
N GLU C 111 -6.08 -9.83 7.33
N GLU C 111 -6.06 -9.81 7.34
CA GLU C 111 -6.57 -11.03 8.00
CA GLU C 111 -6.53 -10.99 8.03
C GLU C 111 -6.28 -10.92 9.49
C GLU C 111 -6.34 -10.80 9.52
N GLY C 112 -7.22 -11.39 10.33
CA GLY C 112 -6.93 -11.48 11.77
C GLY C 112 -5.79 -12.45 11.99
N THR C 113 -4.78 -12.05 12.76
CA THR C 113 -3.62 -12.90 12.97
C THR C 113 -3.23 -12.90 14.44
N THR C 114 -2.39 -13.86 14.83
CA THR C 114 -1.72 -13.68 16.10
C THR C 114 -0.66 -12.59 15.99
N GLU C 115 -0.12 -12.16 17.14
CA GLU C 115 0.87 -11.09 17.05
C GLU C 115 2.11 -11.53 16.27
N ALA C 116 2.54 -12.79 16.43
CA ALA C 116 3.70 -13.28 15.70
C ALA C 116 3.48 -13.33 14.19
N ASN C 117 2.25 -13.38 13.72
CA ASN C 117 1.98 -13.40 12.28
C ASN C 117 1.53 -12.02 11.77
N ALA C 118 1.53 -10.99 12.61
CA ALA C 118 0.91 -9.74 12.16
C ALA C 118 1.72 -9.05 11.06
N TRP C 119 3.02 -9.27 10.98
CA TRP C 119 3.80 -8.63 9.91
C TRP C 119 3.31 -9.04 8.53
N HIS C 120 2.68 -10.20 8.39
CA HIS C 120 2.17 -10.65 7.10
C HIS C 120 0.65 -10.65 7.04
N SER C 121 0.02 -9.75 7.78
CA SER C 121 -1.43 -9.74 7.88
C SER C 121 -2.14 -9.10 6.67
N THR C 122 -1.47 -8.28 5.87
CA THR C 122 -2.20 -7.37 5.00
C THR C 122 -1.72 -7.50 3.56
N LEU C 123 -2.65 -7.82 2.67
CA LEU C 123 -2.40 -7.75 1.23
C LEU C 123 -2.81 -6.41 0.66
N VAL C 124 -2.13 -6.02 -0.43
CA VAL C 124 -2.48 -4.79 -1.14
C VAL C 124 -2.68 -5.17 -2.60
N GLY C 125 -3.64 -4.48 -3.22
CA GLY C 125 -3.93 -4.70 -4.63
C GLY C 125 -4.67 -3.54 -5.25
N HIS C 126 -5.11 -3.76 -6.51
CA HIS C 126 -5.86 -2.70 -7.18
C HIS C 126 -6.93 -3.36 -8.05
N ASP C 127 -8.14 -2.83 -7.97
CA ASP C 127 -9.26 -3.29 -8.78
C ASP C 127 -9.86 -2.08 -9.57
N THR C 128 -10.21 -2.38 -10.84
N THR C 128 -10.21 -2.38 -10.83
CA THR C 128 -10.93 -1.39 -11.62
CA THR C 128 -10.91 -1.40 -11.66
C THR C 128 -12.30 -1.96 -11.91
C THR C 128 -12.29 -1.92 -12.00
N PHE C 129 -13.33 -1.16 -11.63
CA PHE C 129 -14.72 -1.56 -11.82
C PHE C 129 -15.31 -0.82 -13.00
N THR C 130 -16.09 -1.55 -13.83
CA THR C 130 -16.81 -0.95 -14.95
C THR C 130 -18.24 -1.41 -14.90
N LYS C 131 -19.11 -0.72 -15.71
CA LYS C 131 -20.54 -1.05 -15.66
C LYS C 131 -20.91 -2.23 -16.52
N VAL C 132 -19.97 -2.83 -17.23
CA VAL C 132 -20.25 -4.03 -18.01
C VAL C 132 -19.16 -5.03 -17.65
N LYS C 133 -19.47 -6.30 -17.54
CA LYS C 133 -18.54 -7.33 -17.08
C LYS C 133 -17.56 -7.74 -18.11
N PRO C 134 -16.33 -8.01 -17.66
CA PRO C 134 -15.33 -8.49 -18.63
C PRO C 134 -15.66 -9.89 -19.11
N ARG D 11 -18.39 -10.89 19.09
CA ARG D 11 -17.48 -11.30 20.16
C ARG D 11 -16.84 -10.09 20.77
N ASP D 12 -16.36 -9.24 20.02
CA ASP D 12 -15.68 -8.05 20.51
C ASP D 12 -16.52 -6.81 20.32
N GLU D 13 -17.85 -6.95 20.27
CA GLU D 13 -18.69 -5.77 20.18
C GLU D 13 -18.34 -4.75 21.29
N ALA D 14 -18.32 -5.21 22.55
CA ALA D 14 -18.02 -4.30 23.65
C ALA D 14 -16.57 -3.82 23.61
N GLY D 15 -15.64 -4.71 23.23
CA GLY D 15 -14.25 -4.30 23.15
C GLY D 15 -13.98 -3.22 22.13
N ILE D 16 -14.65 -3.32 20.97
CA ILE D 16 -14.39 -2.33 19.92
C ILE D 16 -15.16 -1.02 20.14
N THR D 17 -16.40 -1.09 20.64
CA THR D 17 -17.24 0.12 20.81
C THR D 17 -16.58 1.10 21.77
N GLY D 18 -16.52 2.36 21.39
CA GLY D 18 -15.94 3.34 22.29
C GLY D 18 -15.09 4.34 21.53
N THR D 19 -14.30 5.07 22.30
CA THR D 19 -13.41 6.10 21.79
C THR D 19 -11.99 5.58 21.70
N TRP D 20 -11.34 5.84 20.58
CA TRP D 20 -9.96 5.44 20.36
C TRP D 20 -9.18 6.61 19.83
N TYR D 21 -7.86 6.58 20.06
CA TYR D 21 -6.98 7.65 19.63
C TYR D 21 -5.75 7.07 18.92
N ASN D 22 -5.30 7.72 17.83
CA ASN D 22 -4.11 7.21 17.17
C ASN D 22 -2.88 8.07 17.51
N GLN D 23 -1.78 7.75 16.89
CA GLN D 23 -0.49 8.36 17.26
C GLN D 23 -0.38 9.81 16.85
N LEU D 24 -1.27 10.28 16.02
CA LEU D 24 -1.33 11.66 15.59
C LEU D 24 -2.21 12.47 16.50
N GLY D 25 -2.93 11.82 17.41
CA GLY D 25 -3.93 12.51 18.23
C GLY D 25 -5.29 12.60 17.61
N SER D 26 -5.55 11.84 16.54
CA SER D 26 -6.90 11.81 16.01
C SER D 26 -7.83 10.97 16.87
N THR D 27 -9.14 11.24 16.79
CA THR D 27 -10.16 10.59 17.63
C THR D 27 -11.13 9.81 16.78
N PHE D 28 -11.20 8.51 17.04
CA PHE D 28 -12.06 7.57 16.32
C PHE D 28 -13.13 7.13 17.31
N ILE D 29 -14.39 7.49 17.06
CA ILE D 29 -15.52 7.15 17.92
C ILE D 29 -16.38 6.12 17.19
N VAL D 30 -16.52 4.91 17.73
CA VAL D 30 -17.17 3.85 16.96
C VAL D 30 -18.14 3.05 17.81
N THR D 31 -19.23 2.61 17.18
CA THR D 31 -20.13 1.62 17.72
C THR D 31 -20.07 0.36 16.87
N ALA D 32 -19.78 -0.76 17.49
CA ALA D 32 -19.81 -2.04 16.80
C ALA D 32 -21.17 -2.70 17.04
N GLY D 33 -21.88 -2.94 15.97
CA GLY D 33 -23.16 -3.60 16.05
C GLY D 33 -23.05 -5.11 16.04
N ALA D 34 -24.10 -5.76 16.58
CA ALA D 34 -24.09 -7.22 16.66
C ALA D 34 -23.98 -7.88 15.28
N ASP D 35 -24.42 -7.18 14.24
CA ASP D 35 -24.47 -7.69 12.87
C ASP D 35 -23.17 -7.46 12.09
N GLY D 36 -22.12 -7.00 12.73
CA GLY D 36 -20.90 -6.70 12.01
C GLY D 36 -20.75 -5.26 11.60
N ALA D 37 -21.72 -4.39 11.87
CA ALA D 37 -21.56 -2.98 11.45
C ALA D 37 -20.60 -2.17 12.34
N LEU D 38 -19.97 -1.18 11.71
CA LEU D 38 -19.21 -0.17 12.43
C LEU D 38 -19.80 1.18 12.03
N THR D 39 -20.22 2.00 13.02
N THR D 39 -20.23 1.91 13.06
CA THR D 39 -20.71 3.35 12.77
CA THR D 39 -20.72 3.26 12.81
C THR D 39 -20.05 4.35 13.71
C THR D 39 -20.07 4.26 13.75
N GLY D 40 -19.89 5.52 13.30
CA GLY D 40 -19.34 6.53 14.17
C GLY D 40 -18.82 7.80 13.53
N THR D 41 -17.85 8.43 14.17
CA THR D 41 -17.27 9.67 13.68
C THR D 41 -15.76 9.61 13.81
N TYR D 42 -15.09 10.39 12.97
CA TYR D 42 -13.65 10.50 12.99
C TYR D 42 -13.32 11.96 13.00
N GLU D 43 -12.32 12.31 13.80
CA GLU D 43 -11.81 13.68 13.88
C GLU D 43 -10.30 13.57 13.70
N SER D 44 -9.80 14.12 12.63
CA SER D 44 -8.36 14.05 12.30
C SER D 44 -7.63 15.21 12.94
N ALA D 45 -6.54 14.88 13.63
CA ALA D 45 -5.66 15.96 14.14
C ALA D 45 -4.83 16.61 13.07
N VAL D 46 -4.77 16.07 11.83
CA VAL D 46 -3.90 16.58 10.78
C VAL D 46 -4.67 16.69 9.48
N GLY D 47 -4.09 17.45 8.54
CA GLY D 47 -4.63 17.49 7.18
C GLY D 47 -5.75 18.50 7.01
N ASN D 48 -6.44 18.33 5.88
CA ASN D 48 -7.48 19.29 5.45
C ASN D 48 -8.79 18.81 6.06
N ALA D 49 -8.95 19.10 7.37
CA ALA D 49 -10.03 18.52 8.16
C ALA D 49 -10.31 19.37 9.38
N GLU D 50 -11.59 19.51 9.71
CA GLU D 50 -11.95 20.03 11.01
C GLU D 50 -13.25 19.40 11.50
N SER D 51 -13.30 19.19 12.81
CA SER D 51 -14.42 18.62 13.52
C SER D 51 -14.64 17.19 13.04
N ARG D 52 -15.85 16.72 13.22
CA ARG D 52 -16.14 15.28 13.03
C ARG D 52 -16.66 14.99 11.64
N TYR D 53 -16.29 13.79 11.15
CA TYR D 53 -16.79 13.28 9.90
C TYR D 53 -17.44 11.92 10.15
N VAL D 54 -18.46 11.62 9.35
CA VAL D 54 -19.14 10.34 9.42
C VAL D 54 -18.20 9.21 9.01
N LEU D 55 -18.26 8.10 9.73
CA LEU D 55 -17.60 6.89 9.23
C LEU D 55 -18.54 5.71 9.26
N THR D 56 -18.26 4.74 8.40
N THR D 56 -18.33 4.76 8.35
CA THR D 56 -18.98 3.48 8.45
CA THR D 56 -19.01 3.46 8.42
C THR D 56 -18.01 2.39 8.05
C THR D 56 -18.00 2.39 8.07
N GLY D 57 -18.26 1.18 8.54
CA GLY D 57 -17.36 0.09 8.20
C GLY D 57 -17.95 -1.24 8.64
N ARG D 58 -17.10 -2.26 8.66
CA ARG D 58 -17.52 -3.64 9.01
C ARG D 58 -16.42 -4.30 9.83
N TYR D 59 -16.81 -5.24 10.71
CA TYR D 59 -15.84 -6.04 11.42
C TYR D 59 -16.35 -7.49 11.45
N ASP D 60 -15.41 -8.40 11.65
CA ASP D 60 -15.70 -9.84 11.84
C ASP D 60 -16.35 -10.03 13.21
N SER D 61 -17.65 -10.28 13.19
CA SER D 61 -18.38 -10.46 14.45
C SER D 61 -18.26 -11.87 15.04
N ALA D 62 -17.52 -12.77 14.42
CA ALA D 62 -17.28 -14.10 15.01
C ALA D 62 -15.84 -14.49 14.71
N PRO D 63 -14.88 -13.81 15.35
CA PRO D 63 -13.47 -14.05 15.08
C PRO D 63 -13.01 -15.42 15.55
N ALA D 64 -11.86 -15.81 15.05
CA ALA D 64 -11.24 -17.09 15.43
C ALA D 64 -10.95 -17.06 16.92
N THR D 65 -10.96 -18.25 17.53
CA THR D 65 -10.76 -18.37 18.97
C THR D 65 -9.37 -18.89 19.30
N ASP D 66 -8.40 -18.62 18.42
CA ASP D 66 -7.05 -19.11 18.54
C ASP D 66 -6.07 -18.02 18.96
N GLY D 67 -6.57 -16.90 19.48
CA GLY D 67 -5.73 -15.78 19.82
C GLY D 67 -5.50 -14.80 18.67
N SER D 68 -6.07 -15.06 17.52
CA SER D 68 -5.91 -14.07 16.44
C SER D 68 -6.69 -12.80 16.75
N GLY D 69 -6.26 -11.71 16.14
CA GLY D 69 -7.06 -10.49 16.18
C GLY D 69 -8.34 -10.60 15.37
N THR D 70 -9.11 -9.51 15.43
CA THR D 70 -10.40 -9.37 14.78
C THR D 70 -10.29 -8.39 13.62
N ALA D 71 -10.51 -8.87 12.39
CA ALA D 71 -10.34 -8.01 11.22
C ALA D 71 -11.48 -7.01 11.10
N LEU D 72 -11.15 -5.79 10.66
N LEU D 72 -11.15 -5.84 10.57
CA LEU D 72 -12.13 -4.74 10.47
CA LEU D 72 -12.14 -4.77 10.47
C LEU D 72 -11.65 -3.75 9.42
C LEU D 72 -11.63 -3.71 9.50
N GLY D 73 -12.56 -2.86 9.04
CA GLY D 73 -12.14 -1.71 8.25
C GLY D 73 -13.23 -0.68 8.30
N TRP D 74 -12.87 0.56 7.97
CA TRP D 74 -13.88 1.61 7.86
C TRP D 74 -13.41 2.68 6.89
N THR D 75 -14.38 3.54 6.48
CA THR D 75 -14.18 4.63 5.53
C THR D 75 -14.64 5.95 6.11
N VAL D 76 -13.86 6.99 5.84
CA VAL D 76 -14.32 8.38 5.99
C VAL D 76 -14.19 9.05 4.64
N ALA D 77 -15.27 9.70 4.16
CA ALA D 77 -15.17 10.70 3.11
C ALA D 77 -15.02 12.09 3.75
N TRP D 78 -14.01 12.84 3.32
CA TRP D 78 -13.64 14.03 4.07
C TRP D 78 -14.49 15.24 3.72
N LYS D 79 -15.79 15.06 3.79
CA LYS D 79 -16.76 16.13 3.58
C LYS D 79 -17.64 16.20 4.82
N ASN D 80 -17.77 17.40 5.39
CA ASN D 80 -18.74 17.60 6.47
C ASN D 80 -19.30 19.00 6.29
N ASN D 81 -19.96 19.52 7.33
CA ASN D 81 -20.54 20.85 7.18
C ASN D 81 -19.53 21.98 7.13
N TYR D 82 -18.29 21.69 7.44
CA TYR D 82 -17.27 22.71 7.48
C TYR D 82 -16.29 22.72 6.32
N ARG D 83 -15.98 21.54 5.79
CA ARG D 83 -14.93 21.47 4.79
C ARG D 83 -15.23 20.31 3.86
N ASN D 84 -14.64 20.37 2.67
CA ASN D 84 -14.70 19.22 1.77
C ASN D 84 -13.33 19.11 1.10
N ALA D 85 -12.57 18.08 1.48
CA ALA D 85 -11.26 17.84 0.93
C ALA D 85 -11.29 16.96 -0.33
N HIS D 86 -12.46 16.55 -0.80
CA HIS D 86 -12.59 15.78 -2.02
C HIS D 86 -11.65 14.57 -2.00
N SER D 87 -11.80 13.78 -0.93
CA SER D 87 -10.92 12.62 -0.66
C SER D 87 -11.62 11.69 0.30
N ALA D 88 -11.10 10.47 0.38
CA ALA D 88 -11.68 9.51 1.29
C ALA D 88 -10.53 8.65 1.80
N THR D 89 -10.57 8.26 3.07
CA THR D 89 -9.56 7.35 3.61
C THR D 89 -10.24 6.07 4.02
N THR D 90 -9.62 4.94 3.74
CA THR D 90 -10.08 3.67 4.28
C THR D 90 -8.98 3.12 5.17
N TRP D 91 -9.39 2.68 6.36
CA TRP D 91 -8.48 1.97 7.27
C TRP D 91 -8.83 0.50 7.25
N SER D 92 -7.79 -0.34 7.09
CA SER D 92 -7.95 -1.81 7.09
C SER D 92 -7.04 -2.36 8.19
N GLY D 93 -7.59 -3.17 9.07
CA GLY D 93 -6.74 -3.61 10.18
C GLY D 93 -7.33 -4.71 11.02
N GLN D 94 -6.78 -4.81 12.25
CA GLN D 94 -7.34 -5.76 13.20
C GLN D 94 -7.31 -5.20 14.62
N TYR D 95 -8.34 -5.57 15.35
CA TYR D 95 -8.47 -5.25 16.78
C TYR D 95 -7.81 -6.36 17.57
N VAL D 96 -7.00 -5.96 18.55
CA VAL D 96 -6.34 -6.90 19.46
C VAL D 96 -6.79 -6.51 20.86
N GLY D 97 -7.48 -7.42 21.55
CA GLY D 97 -8.00 -7.14 22.86
C GLY D 97 -6.93 -7.29 23.94
N GLY D 98 -7.33 -7.03 25.18
CA GLY D 98 -6.47 -7.25 26.31
C GLY D 98 -6.16 -5.96 27.02
N ALA D 99 -5.28 -6.05 28.02
CA ALA D 99 -5.06 -4.94 28.92
C ALA D 99 -4.64 -3.69 28.17
N GLU D 100 -3.89 -3.91 27.11
CA GLU D 100 -3.49 -2.83 26.26
C GLU D 100 -4.14 -3.04 24.88
N ALA D 101 -5.44 -2.89 24.81
CA ALA D 101 -6.16 -3.07 23.55
C ALA D 101 -5.62 -2.13 22.50
N ARG D 102 -5.66 -2.64 21.25
CA ARG D 102 -5.14 -1.83 20.15
C ARG D 102 -5.92 -2.18 18.91
N ILE D 103 -6.05 -1.19 18.02
CA ILE D 103 -6.48 -1.45 16.63
C ILE D 103 -5.31 -1.03 15.75
N ASN D 104 -4.69 -2.00 15.09
CA ASN D 104 -3.53 -1.73 14.22
C ASN D 104 -4.05 -1.67 12.80
N THR D 105 -3.79 -0.56 12.12
CA THR D 105 -4.31 -0.41 10.75
C THR D 105 -3.24 0.01 9.75
N GLN D 106 -3.58 -0.27 8.49
CA GLN D 106 -2.96 0.41 7.37
C GLN D 106 -4.08 1.16 6.66
N TRP D 107 -3.74 2.24 5.99
CA TRP D 107 -4.80 3.05 5.36
C TRP D 107 -4.41 3.53 3.98
N LEU D 108 -5.43 3.86 3.20
CA LEU D 108 -5.32 4.38 1.84
C LEU D 108 -6.17 5.62 1.76
N LEU D 109 -5.55 6.74 1.41
N LEU D 109 -5.55 6.73 1.34
CA LEU D 109 -6.27 8.01 1.23
CA LEU D 109 -6.19 8.04 1.22
C LEU D 109 -6.27 8.32 -0.26
C LEU D 109 -6.26 8.42 -0.25
N THR D 110 -7.45 8.31 -0.87
CA THR D 110 -7.54 8.68 -2.30
C THR D 110 -8.18 10.04 -2.44
N GLU D 111 -7.55 10.92 -3.23
N GLU D 111 -7.55 10.90 -3.24
CA GLU D 111 -8.12 12.22 -3.58
CA GLU D 111 -8.13 12.18 -3.63
C GLU D 111 -8.74 12.16 -4.98
C GLU D 111 -8.84 12.02 -4.95
N GLY D 112 -9.91 12.78 -5.16
CA GLY D 112 -10.43 12.90 -6.53
C GLY D 112 -9.48 13.71 -7.39
N THR D 113 -9.11 13.19 -8.58
CA THR D 113 -8.14 13.88 -9.43
C THR D 113 -8.65 13.87 -10.87
N THR D 114 -8.01 14.70 -11.69
CA THR D 114 -8.22 14.48 -13.11
C THR D 114 -7.46 13.22 -13.55
N GLU D 115 -7.68 12.78 -14.76
CA GLU D 115 -7.01 11.60 -15.21
C GLU D 115 -5.50 11.78 -15.26
N ALA D 116 -5.09 12.97 -15.68
CA ALA D 116 -3.65 13.24 -15.77
C ALA D 116 -2.97 13.20 -14.41
N ASN D 117 -3.71 13.44 -13.35
CA ASN D 117 -3.13 13.42 -11.98
C ASN D 117 -3.41 12.12 -11.24
N ALA D 118 -4.06 11.15 -11.86
CA ALA D 118 -4.50 10.01 -11.08
C ALA D 118 -3.35 9.15 -10.62
N TRP D 119 -2.19 9.20 -11.29
CA TRP D 119 -1.08 8.37 -10.81
C TRP D 119 -0.65 8.76 -9.39
N HIS D 120 -0.89 10.02 -8.99
CA HIS D 120 -0.53 10.47 -7.64
C HIS D 120 -1.75 10.73 -6.77
N SER D 121 -2.81 9.95 -6.95
CA SER D 121 -4.04 10.17 -6.23
C SER D 121 -4.06 9.58 -4.83
N THR D 122 -3.18 8.62 -4.52
CA THR D 122 -3.42 7.77 -3.33
C THR D 122 -2.22 7.75 -2.38
N LEU D 123 -2.44 8.21 -1.17
CA LEU D 123 -1.44 8.04 -0.09
C LEU D 123 -1.69 6.74 0.67
N VAL D 124 -0.61 6.19 1.20
CA VAL D 124 -0.67 5.01 2.07
C VAL D 124 0.04 5.34 3.38
N GLY D 125 -0.52 4.80 4.45
CA GLY D 125 0.11 4.96 5.75
C GLY D 125 -0.38 3.92 6.72
N HIS D 126 -0.03 4.14 8.00
CA HIS D 126 -0.41 3.22 9.05
C HIS D 126 -0.71 3.95 10.36
N ASP D 127 -1.84 3.63 10.97
CA ASP D 127 -2.21 4.21 12.25
C ASP D 127 -2.46 3.06 13.28
N THR D 128 -1.99 3.38 14.53
N THR D 128 -2.00 3.38 14.52
CA THR D 128 -2.30 2.49 15.63
CA THR D 128 -2.28 2.46 15.63
C THR D 128 -3.16 3.24 16.62
C THR D 128 -3.10 3.18 16.68
N PHE D 129 -4.29 2.64 16.96
CA PHE D 129 -5.26 3.24 17.87
C PHE D 129 -5.21 2.53 19.22
N THR D 130 -5.24 3.33 20.29
CA THR D 130 -5.33 2.78 21.65
C THR D 130 -6.48 3.45 22.38
N LYS D 131 -6.80 2.92 23.56
CA LYS D 131 -7.95 3.45 24.33
C LYS D 131 -7.60 4.64 25.17
N VAL D 132 -6.33 4.97 25.28
CA VAL D 132 -5.93 6.20 25.96
C VAL D 132 -5.06 6.97 24.98
N LYS D 133 -5.06 8.31 25.06
CA LYS D 133 -4.50 9.10 23.96
C LYS D 133 -3.09 9.59 24.28
N PRO D 134 -2.35 10.01 23.24
CA PRO D 134 -1.00 10.56 23.47
C PRO D 134 -1.03 11.97 24.03
N SER D 135 0.07 12.33 24.68
CA SER D 135 0.25 13.64 25.31
C SER D 135 0.06 14.80 24.34
#